data_4L11
#
_entry.id   4L11
#
_cell.length_a   51.400
_cell.length_b   51.400
_cell.length_c   162.031
_cell.angle_alpha   90.00
_cell.angle_beta   90.00
_cell.angle_gamma   120.00
#
_symmetry.space_group_name_H-M   'P 32 2 1'
#
loop_
_entity.id
_entity.type
_entity.pdbx_description
1 polymer AGAP007709-PA
2 water water
#
_entity_poly.entity_id   1
_entity_poly.type   'polypeptide(L)'
_entity_poly.pdbx_seq_one_letter_code
;GAMGSGTARYHTQMLRVREFIRFHQIPNPLRQRLEEYFQHAWTYTNGIDMNSVLKGFPECLQADICLHLNRNLLNNCSAF
EAASPGCLRALSLKFKTTHAPPGDILVHKGDVLTYLYFIARGSIEILKDDVVMAILGKDDIFGENPCIHSTLGKSNSNVK
ALTYCDLHKIHRDDLLDVLDLFPEFYDSFVNSLEITYNMRDEEQ
;
_entity_poly.pdbx_strand_id   A
#
# COMPACT_ATOMS: atom_id res chain seq x y z
N THR A 7 23.75 -19.32 -5.86
CA THR A 7 22.57 -19.53 -5.04
C THR A 7 21.30 -19.03 -5.75
N ALA A 8 21.38 -17.82 -6.29
CA ALA A 8 20.26 -17.20 -6.98
C ALA A 8 20.23 -17.55 -8.46
N ARG A 9 19.92 -18.80 -8.79
CA ARG A 9 19.83 -19.20 -10.19
C ARG A 9 18.58 -18.64 -10.87
N TYR A 10 18.52 -18.78 -12.19
CA TYR A 10 17.36 -18.32 -12.95
C TYR A 10 16.03 -18.93 -12.47
N HIS A 11 15.94 -20.26 -12.41
CA HIS A 11 14.67 -20.92 -12.05
C HIS A 11 14.12 -20.47 -10.69
N THR A 12 15.03 -20.22 -9.74
CA THR A 12 14.68 -19.67 -8.43
C THR A 12 13.92 -18.36 -8.56
N GLN A 13 14.45 -17.47 -9.38
CA GLN A 13 13.82 -16.15 -9.56
C GLN A 13 12.59 -16.28 -10.43
N MET A 14 12.65 -17.17 -11.43
CA MET A 14 11.54 -17.39 -12.34
C MET A 14 10.27 -17.70 -11.59
N LEU A 15 10.39 -18.43 -10.47
CA LEU A 15 9.21 -18.91 -9.79
C LEU A 15 8.72 -18.02 -8.64
N ARG A 16 9.59 -17.15 -8.11
CA ARG A 16 9.14 -16.08 -7.21
C ARG A 16 8.25 -15.17 -8.00
N VAL A 17 8.72 -14.83 -9.19
CA VAL A 17 7.97 -14.03 -10.14
C VAL A 17 6.63 -14.68 -10.42
N ARG A 18 6.65 -16.00 -10.65
CA ARG A 18 5.44 -16.77 -10.89
C ARG A 18 4.46 -16.62 -9.74
N GLU A 19 4.99 -16.50 -8.52
CA GLU A 19 4.20 -16.43 -7.30
C GLU A 19 3.70 -15.03 -7.01
N PHE A 20 4.28 -14.04 -7.69
CA PHE A 20 3.75 -12.69 -7.59
C PHE A 20 2.43 -12.62 -8.34
N ILE A 21 2.50 -12.75 -9.66
CA ILE A 21 1.30 -12.88 -10.47
C ILE A 21 0.33 -13.83 -9.76
N ARG A 22 0.88 -14.86 -9.13
CA ARG A 22 0.07 -15.82 -8.36
C ARG A 22 -0.78 -15.07 -7.36
N PHE A 23 -0.14 -14.59 -6.29
CA PHE A 23 -0.83 -13.90 -5.21
C PHE A 23 -1.59 -12.64 -5.63
N HIS A 24 -1.28 -12.12 -6.82
CA HIS A 24 -1.81 -10.84 -7.27
C HIS A 24 -2.56 -10.88 -8.60
N GLN A 25 -3.29 -11.98 -8.85
CA GLN A 25 -4.05 -12.17 -10.10
C GLN A 25 -3.82 -11.07 -11.14
N ILE A 26 -2.89 -11.32 -12.06
CA ILE A 26 -2.44 -10.29 -12.99
C ILE A 26 -2.85 -10.51 -14.44
N PRO A 27 -3.32 -9.43 -15.09
CA PRO A 27 -3.64 -9.44 -16.52
C PRO A 27 -2.54 -10.14 -17.30
N ASN A 28 -2.91 -10.91 -18.31
CA ASN A 28 -1.92 -11.52 -19.19
C ASN A 28 -1.21 -10.48 -20.07
N PRO A 29 -1.93 -9.44 -20.53
CA PRO A 29 -1.29 -8.42 -21.38
C PRO A 29 -0.04 -7.85 -20.73
N LEU A 30 -0.05 -7.77 -19.41
CA LEU A 30 1.11 -7.34 -18.66
C LEU A 30 1.91 -8.57 -18.26
N ARG A 31 1.21 -9.55 -17.71
CA ARG A 31 1.81 -10.80 -17.25
C ARG A 31 2.81 -11.37 -18.25
N GLN A 32 2.50 -11.29 -19.54
CA GLN A 32 3.42 -11.76 -20.58
C GLN A 32 4.57 -10.78 -20.73
N ARG A 33 4.28 -9.49 -20.62
CA ARG A 33 5.30 -8.45 -20.81
C ARG A 33 6.37 -8.48 -19.71
N LEU A 34 5.95 -8.80 -18.49
CA LEU A 34 6.86 -8.94 -17.37
C LEU A 34 7.76 -10.17 -17.52
N GLU A 35 7.13 -11.31 -17.81
CA GLU A 35 7.82 -12.58 -18.06
C GLU A 35 8.86 -12.46 -19.16
N GLU A 36 8.46 -11.86 -20.28
CA GLU A 36 9.38 -11.67 -21.39
C GLU A 36 10.53 -10.72 -21.01
N TYR A 37 10.25 -9.74 -20.14
CA TYR A 37 11.33 -8.84 -19.68
C TYR A 37 12.30 -9.51 -18.71
N PHE A 38 11.79 -10.46 -17.91
CA PHE A 38 12.62 -11.16 -16.94
C PHE A 38 13.52 -12.24 -17.56
N GLN A 39 13.06 -12.84 -18.65
CA GLN A 39 13.94 -13.72 -19.41
C GLN A 39 15.05 -12.91 -20.07
N HIS A 40 14.65 -11.92 -20.85
CA HIS A 40 15.59 -11.13 -21.66
C HIS A 40 16.45 -10.24 -20.78
N ALA A 41 16.32 -10.42 -19.47
CA ALA A 41 17.14 -9.76 -18.47
C ALA A 41 16.94 -10.45 -17.11
N TRP A 42 18.02 -10.74 -16.40
CA TRP A 42 17.94 -11.31 -15.06
C TRP A 42 19.35 -11.40 -14.49
N THR A 43 19.45 -11.25 -13.18
CA THR A 43 20.75 -11.06 -12.54
C THR A 43 21.02 -12.17 -11.54
N TYR A 44 22.20 -12.78 -11.63
CA TYR A 44 22.60 -13.77 -10.65
C TYR A 44 22.74 -13.13 -9.26
N THR A 45 23.20 -11.89 -9.23
CA THR A 45 23.39 -11.16 -7.98
C THR A 45 22.05 -10.65 -7.42
N ASN A 46 21.45 -9.68 -8.09
CA ASN A 46 20.16 -9.13 -7.66
C ASN A 46 19.01 -10.13 -7.81
N GLY A 47 19.10 -11.26 -7.09
CA GLY A 47 18.09 -12.29 -7.13
C GLY A 47 16.75 -11.76 -6.65
N ILE A 48 16.82 -10.85 -5.69
CA ILE A 48 15.64 -10.14 -5.21
C ILE A 48 14.60 -11.05 -4.55
N ASP A 49 14.88 -11.45 -3.32
CA ASP A 49 13.91 -12.23 -2.56
C ASP A 49 12.50 -11.67 -2.71
N MET A 50 12.39 -10.33 -2.74
CA MET A 50 11.09 -9.66 -2.85
C MET A 50 11.04 -8.62 -3.95
N ASN A 51 11.40 -7.39 -3.60
CA ASN A 51 11.19 -6.24 -4.48
C ASN A 51 12.46 -5.61 -5.02
N SER A 52 13.55 -6.38 -5.10
CA SER A 52 14.82 -5.85 -5.58
C SER A 52 14.83 -5.63 -7.10
N VAL A 53 15.20 -6.66 -7.88
CA VAL A 53 15.09 -6.54 -9.34
C VAL A 53 13.62 -6.48 -9.72
N LEU A 54 12.76 -6.83 -8.76
CA LEU A 54 11.31 -6.61 -8.91
C LEU A 54 11.11 -5.12 -9.18
N LYS A 55 11.96 -4.30 -8.55
CA LYS A 55 12.02 -2.88 -8.79
C LYS A 55 12.90 -2.58 -10.00
N GLY A 56 13.84 -3.47 -10.28
CA GLY A 56 14.82 -3.29 -11.34
C GLY A 56 14.25 -3.26 -12.76
N PHE A 57 12.93 -3.34 -12.87
CA PHE A 57 12.26 -3.32 -14.17
C PHE A 57 12.17 -1.91 -14.75
N PRO A 58 11.90 -1.81 -16.07
CA PRO A 58 11.81 -0.52 -16.74
C PRO A 58 10.56 0.26 -16.33
N GLU A 59 10.65 1.59 -16.25
CA GLU A 59 9.54 2.42 -15.81
C GLU A 59 8.19 1.82 -16.20
N CYS A 60 8.00 1.60 -17.51
CA CYS A 60 6.75 1.10 -18.08
C CYS A 60 6.04 0.01 -17.26
N LEU A 61 6.78 -1.07 -16.99
CA LEU A 61 6.19 -2.28 -16.43
C LEU A 61 5.81 -2.17 -14.95
N GLN A 62 6.61 -1.46 -14.17
CA GLN A 62 6.27 -1.28 -12.75
C GLN A 62 5.03 -0.41 -12.57
N ALA A 63 4.78 0.47 -13.53
CA ALA A 63 3.58 1.32 -13.52
C ALA A 63 2.28 0.53 -13.53
N ASP A 64 2.14 -0.39 -14.49
CA ASP A 64 0.93 -1.19 -14.63
C ASP A 64 0.68 -2.03 -13.39
N ILE A 65 1.76 -2.40 -12.72
CA ILE A 65 1.66 -3.17 -11.51
C ILE A 65 1.04 -2.34 -10.42
N CYS A 66 1.73 -1.29 -10.00
CA CYS A 66 1.16 -0.32 -9.08
C CYS A 66 -0.31 -0.07 -9.47
N LEU A 67 -0.52 0.27 -10.73
CA LEU A 67 -1.84 0.53 -11.25
C LEU A 67 -2.81 -0.60 -10.96
N HIS A 68 -2.39 -1.83 -11.22
CA HIS A 68 -3.28 -2.97 -11.00
C HIS A 68 -3.46 -3.27 -9.51
N LEU A 69 -2.37 -3.22 -8.75
CA LEU A 69 -2.41 -3.39 -7.31
C LEU A 69 -3.34 -2.36 -6.67
N ASN A 70 -3.22 -1.10 -7.08
CA ASN A 70 -4.08 -0.03 -6.59
C ASN A 70 -5.56 -0.15 -6.97
N ARG A 71 -5.82 -0.64 -8.18
CA ARG A 71 -7.20 -0.80 -8.63
C ARG A 71 -7.94 -1.76 -7.72
N ASN A 72 -7.18 -2.68 -7.14
CA ASN A 72 -7.74 -3.60 -6.18
C ASN A 72 -8.40 -2.81 -5.06
N LEU A 73 -7.62 -2.03 -4.34
CA LEU A 73 -8.16 -1.21 -3.26
C LEU A 73 -9.14 -0.20 -3.79
N LEU A 74 -8.75 0.48 -4.85
CA LEU A 74 -9.57 1.59 -5.31
C LEU A 74 -10.91 1.11 -5.79
N ASN A 75 -10.94 -0.05 -6.43
CA ASN A 75 -12.18 -0.55 -7.02
C ASN A 75 -13.20 -1.20 -6.05
N ASN A 76 -12.77 -1.48 -4.82
CA ASN A 76 -13.62 -2.22 -3.87
C ASN A 76 -13.89 -1.57 -2.51
N CYS A 77 -12.92 -0.82 -1.99
CA CYS A 77 -13.08 -0.10 -0.75
C CYS A 77 -14.11 1.03 -0.88
N SER A 78 -14.90 1.23 0.18
CA SER A 78 -16.11 2.06 0.15
C SER A 78 -15.86 3.56 0.29
N ALA A 79 -14.66 3.91 0.75
CA ALA A 79 -14.31 5.31 0.86
C ALA A 79 -14.24 5.91 -0.56
N PHE A 80 -13.85 5.09 -1.53
CA PHE A 80 -13.66 5.54 -2.92
C PHE A 80 -14.83 5.30 -3.84
N GLU A 81 -15.88 4.68 -3.32
CA GLU A 81 -17.18 4.80 -3.92
C GLU A 81 -17.33 6.29 -4.09
N ALA A 82 -17.87 6.72 -5.22
CA ALA A 82 -18.15 8.15 -5.43
C ALA A 82 -17.03 9.01 -6.07
N ALA A 83 -15.79 8.55 -6.05
CA ALA A 83 -14.71 9.27 -6.72
C ALA A 83 -14.95 9.30 -8.24
N SER A 84 -14.82 10.47 -8.85
CA SER A 84 -14.96 10.59 -10.30
C SER A 84 -13.79 9.88 -10.95
N PRO A 85 -13.97 9.36 -12.18
CA PRO A 85 -12.86 8.62 -12.77
C PRO A 85 -11.61 9.50 -12.84
N GLY A 86 -11.79 10.80 -13.07
CA GLY A 86 -10.68 11.73 -12.93
C GLY A 86 -9.99 11.57 -11.59
N CYS A 87 -10.80 11.59 -10.54
CA CYS A 87 -10.32 11.49 -9.16
C CYS A 87 -9.69 10.12 -8.84
N LEU A 88 -10.39 9.04 -9.24
CA LEU A 88 -9.80 7.69 -9.20
C LEU A 88 -8.43 7.62 -9.90
N ARG A 89 -8.33 8.13 -11.14
CA ARG A 89 -7.06 8.13 -11.84
C ARG A 89 -5.96 8.84 -11.03
N ALA A 90 -6.30 9.99 -10.46
CA ALA A 90 -5.36 10.72 -9.60
C ALA A 90 -4.89 9.89 -8.41
N LEU A 91 -5.84 9.22 -7.74
CA LEU A 91 -5.54 8.36 -6.60
C LEU A 91 -4.67 7.17 -7.01
N SER A 92 -5.09 6.45 -8.05
CA SER A 92 -4.44 5.23 -8.48
C SER A 92 -3.04 5.51 -8.98
N LEU A 93 -2.71 6.79 -9.02
CA LEU A 93 -1.42 7.26 -9.50
C LEU A 93 -0.51 7.55 -8.33
N LYS A 94 -1.08 7.99 -7.22
CA LYS A 94 -0.26 8.41 -6.10
C LYS A 94 -0.25 7.38 -4.96
N PHE A 95 -1.14 6.39 -5.04
CA PHE A 95 -1.09 5.27 -4.10
C PHE A 95 0.15 4.40 -4.28
N LYS A 96 0.66 3.89 -3.18
CA LYS A 96 1.78 2.96 -3.18
C LYS A 96 1.36 1.61 -2.59
N THR A 97 2.14 0.58 -2.86
CA THR A 97 1.86 -0.74 -2.30
C THR A 97 3.11 -1.22 -1.59
N THR A 98 2.93 -1.85 -0.43
CA THR A 98 4.06 -2.39 0.31
C THR A 98 3.82 -3.81 0.81
N HIS A 99 4.80 -4.66 0.62
CA HIS A 99 4.75 -6.01 1.15
C HIS A 99 5.66 -6.02 2.36
N ALA A 100 5.04 -6.09 3.55
CA ALA A 100 5.78 -6.09 4.80
C ALA A 100 6.10 -7.51 5.28
N PRO A 101 7.35 -7.75 5.71
CA PRO A 101 7.76 -9.05 6.25
C PRO A 101 7.45 -9.14 7.73
N PRO A 102 6.98 -10.31 8.19
CA PRO A 102 6.65 -10.47 9.62
C PRO A 102 7.87 -10.07 10.44
N GLY A 103 7.69 -9.16 11.39
CA GLY A 103 8.81 -8.63 12.14
C GLY A 103 9.29 -7.39 11.42
N ASP A 104 8.68 -6.26 11.75
CA ASP A 104 8.87 -5.07 10.96
C ASP A 104 8.00 -3.94 11.46
N ILE A 105 8.63 -2.81 11.77
CA ILE A 105 7.94 -1.68 12.37
C ILE A 105 7.68 -0.55 11.38
N LEU A 106 6.46 -0.48 10.89
CA LEU A 106 6.11 0.55 9.93
C LEU A 106 6.13 1.92 10.59
N VAL A 107 5.57 2.00 11.79
CA VAL A 107 5.42 3.26 12.48
C VAL A 107 5.94 3.12 13.90
N HIS A 108 6.54 4.19 14.42
CA HIS A 108 6.98 4.22 15.81
C HIS A 108 6.15 5.23 16.58
N LYS A 109 6.35 5.29 17.90
CA LYS A 109 5.42 6.00 18.79
C LYS A 109 5.31 7.50 18.54
N GLY A 110 6.44 8.15 18.29
CA GLY A 110 6.42 9.57 17.98
C GLY A 110 6.15 9.92 16.53
N ASP A 111 6.67 9.10 15.61
CA ASP A 111 6.59 9.35 14.16
C ASP A 111 5.41 10.22 13.73
N VAL A 112 5.66 11.20 12.86
CA VAL A 112 4.60 12.00 12.24
C VAL A 112 3.74 11.12 11.34
N LEU A 113 2.42 11.34 11.38
CA LEU A 113 1.50 10.53 10.59
C LEU A 113 1.55 10.99 9.14
N THR A 114 2.47 10.34 8.44
CA THR A 114 2.86 10.73 7.13
C THR A 114 2.06 9.92 6.08
N TYR A 115 1.80 8.65 6.35
CA TYR A 115 1.03 7.82 5.43
C TYR A 115 -0.28 7.30 6.04
N LEU A 116 -1.28 7.03 5.19
CA LEU A 116 -2.49 6.40 5.66
C LEU A 116 -2.46 5.01 5.03
N TYR A 117 -2.79 3.96 5.81
CA TYR A 117 -2.64 2.58 5.32
C TYR A 117 -3.94 1.77 5.21
N PHE A 118 -3.98 0.92 4.19
CA PHE A 118 -5.08 0.00 4.00
C PHE A 118 -4.48 -1.38 3.97
N ILE A 119 -4.96 -2.25 4.86
CA ILE A 119 -4.43 -3.61 4.88
C ILE A 119 -5.11 -4.46 3.82
N ALA A 120 -4.33 -4.89 2.83
CA ALA A 120 -4.85 -5.80 1.81
C ALA A 120 -4.92 -7.23 2.37
N ARG A 121 -3.76 -7.82 2.62
CA ARG A 121 -3.66 -9.16 3.24
C ARG A 121 -2.86 -9.08 4.55
N GLY A 122 -3.02 -10.06 5.43
CA GLY A 122 -2.13 -10.19 6.56
C GLY A 122 -2.60 -9.57 7.87
N SER A 123 -1.74 -9.65 8.88
CA SER A 123 -2.11 -9.21 10.23
C SER A 123 -1.08 -8.27 10.86
N ILE A 124 -1.52 -7.06 11.17
CA ILE A 124 -0.71 -6.05 11.86
C ILE A 124 -1.03 -6.04 13.36
N GLU A 125 -0.01 -5.75 14.16
CA GLU A 125 -0.22 -5.56 15.57
C GLU A 125 0.12 -4.12 15.88
N ILE A 126 -0.75 -3.44 16.62
CA ILE A 126 -0.38 -2.12 17.10
C ILE A 126 -0.14 -2.15 18.63
N LEU A 127 1.04 -1.70 19.03
CA LEU A 127 1.53 -1.84 20.40
C LEU A 127 1.72 -0.50 21.04
N LYS A 128 1.38 -0.41 22.31
CA LYS A 128 1.81 0.71 23.12
C LYS A 128 2.54 0.11 24.31
N ASP A 129 3.80 -0.29 24.10
CA ASP A 129 4.57 -1.09 25.09
C ASP A 129 4.10 -2.54 25.13
N ASP A 130 2.82 -2.73 24.86
CA ASP A 130 2.23 -4.06 24.75
C ASP A 130 0.96 -3.94 23.87
N VAL A 131 0.37 -5.06 23.47
CA VAL A 131 -0.57 -5.04 22.33
C VAL A 131 -1.97 -4.46 22.59
N VAL A 132 -2.25 -3.32 21.95
CA VAL A 132 -3.51 -2.60 22.19
C VAL A 132 -4.53 -2.98 21.13
N MET A 133 -4.08 -3.61 20.04
CA MET A 133 -4.99 -4.04 18.98
C MET A 133 -4.37 -4.87 17.82
N ALA A 134 -5.20 -5.70 17.21
CA ALA A 134 -4.79 -6.56 16.09
C ALA A 134 -5.68 -6.27 14.89
N ILE A 135 -5.04 -5.93 13.77
CA ILE A 135 -5.67 -5.39 12.56
C ILE A 135 -5.43 -6.33 11.39
N LEU A 136 -6.34 -6.40 10.44
CA LEU A 136 -6.13 -7.31 9.31
C LEU A 136 -6.70 -6.89 7.96
N GLY A 137 -6.35 -7.69 6.96
CA GLY A 137 -6.81 -7.50 5.60
C GLY A 137 -8.29 -7.76 5.47
N LYS A 138 -9.03 -7.31 6.49
CA LYS A 138 -10.46 -7.12 6.38
C LYS A 138 -10.52 -5.88 5.51
N ASP A 139 -9.31 -5.42 5.20
CA ASP A 139 -9.08 -4.09 4.69
C ASP A 139 -9.39 -3.18 5.87
N ASP A 140 -8.55 -3.34 6.89
CA ASP A 140 -8.52 -2.40 7.97
C ASP A 140 -7.59 -1.24 7.59
N ILE A 141 -7.92 -0.09 8.16
CA ILE A 141 -7.30 1.18 7.84
C ILE A 141 -6.76 1.80 9.14
N PHE A 142 -5.51 2.24 9.10
CA PHE A 142 -4.91 2.87 10.26
C PHE A 142 -4.03 4.05 9.86
N GLY A 143 -4.04 5.08 10.72
CA GLY A 143 -3.40 6.36 10.47
C GLY A 143 -4.43 7.39 10.83
N GLU A 144 -4.28 8.61 10.32
CA GLU A 144 -5.32 9.61 10.47
C GLU A 144 -5.85 10.05 9.10
N ASN A 145 -7.03 10.65 9.08
CA ASN A 145 -7.54 11.24 7.86
C ASN A 145 -7.10 12.70 7.76
N PRO A 146 -6.20 12.98 6.83
CA PRO A 146 -5.55 14.29 6.85
C PRO A 146 -6.51 15.40 6.45
N CYS A 147 -7.69 15.03 5.98
CA CYS A 147 -8.64 15.99 5.45
C CYS A 147 -9.45 16.68 6.53
N ILE A 148 -9.39 16.16 7.74
CA ILE A 148 -10.24 16.71 8.80
C ILE A 148 -9.45 17.45 9.87
N HIS A 149 -8.19 17.06 10.06
CA HIS A 149 -7.35 17.76 11.03
C HIS A 149 -6.55 18.90 10.38
N SER A 150 -6.48 20.03 11.09
CA SER A 150 -5.76 21.21 10.61
C SER A 150 -4.27 21.08 10.92
N THR A 151 -3.96 20.30 11.96
CA THR A 151 -2.58 20.06 12.32
C THR A 151 -2.17 18.66 11.84
N LEU A 152 -0.88 18.37 11.83
CA LEU A 152 -0.41 17.03 11.47
C LEU A 152 -0.20 16.19 12.72
N GLY A 153 -0.86 15.04 12.76
CA GLY A 153 -0.81 14.17 13.92
C GLY A 153 0.51 13.45 14.13
N LYS A 154 0.65 12.82 15.29
CA LYS A 154 1.83 12.02 15.57
C LYS A 154 1.40 10.69 16.17
N SER A 155 2.17 9.63 15.90
CA SER A 155 1.67 8.27 15.96
C SER A 155 0.86 7.83 17.19
N ASN A 156 1.42 7.88 18.38
CA ASN A 156 0.73 7.33 19.57
C ASN A 156 1.02 5.86 19.78
N SER A 157 1.61 5.22 18.78
CA SER A 157 1.93 3.80 18.94
C SER A 157 2.84 3.23 17.85
N ASN A 158 3.10 1.93 17.95
CA ASN A 158 4.03 1.24 17.07
C ASN A 158 3.27 0.21 16.26
N VAL A 159 3.76 -0.10 15.08
CA VAL A 159 3.04 -0.94 14.14
C VAL A 159 3.99 -2.00 13.60
N LYS A 160 3.79 -3.25 14.02
CA LYS A 160 4.62 -4.39 13.58
C LYS A 160 3.82 -5.32 12.65
N ALA A 161 4.50 -5.94 11.70
CA ALA A 161 3.84 -6.97 10.88
C ALA A 161 3.98 -8.30 11.62
N LEU A 162 2.87 -8.97 11.91
CA LEU A 162 2.96 -10.26 12.58
C LEU A 162 3.22 -11.37 11.57
N THR A 163 2.45 -11.36 10.51
CA THR A 163 2.70 -12.21 9.35
C THR A 163 3.31 -11.33 8.26
N TYR A 164 3.41 -11.86 7.05
CA TYR A 164 3.71 -11.05 5.89
C TYR A 164 2.45 -10.26 5.57
N CYS A 165 2.62 -9.03 5.08
CA CYS A 165 1.49 -8.14 4.87
C CYS A 165 1.53 -7.40 3.54
N ASP A 166 0.36 -7.21 2.94
CA ASP A 166 0.21 -6.33 1.79
C ASP A 166 -0.47 -5.07 2.23
N LEU A 167 0.14 -3.93 1.97
CA LEU A 167 -0.43 -2.65 2.41
C LEU A 167 -0.45 -1.62 1.30
N HIS A 168 -1.57 -0.94 1.17
CA HIS A 168 -1.71 0.20 0.28
C HIS A 168 -1.54 1.45 1.11
N LYS A 169 -0.56 2.29 0.75
CA LYS A 169 -0.35 3.51 1.50
C LYS A 169 -0.34 4.75 0.65
N ILE A 170 -1.10 5.77 1.07
CA ILE A 170 -1.03 7.08 0.43
C ILE A 170 -0.48 8.18 1.35
N HIS A 171 0.33 9.04 0.75
CA HIS A 171 0.97 10.12 1.45
C HIS A 171 -0.04 11.26 1.61
N ARG A 172 -0.02 11.89 2.78
CA ARG A 172 -1.03 12.87 3.09
C ARG A 172 -1.12 14.03 2.10
N ASP A 173 0.02 14.46 1.58
CA ASP A 173 0.03 15.60 0.67
C ASP A 173 -0.51 15.19 -0.70
N ASP A 174 -0.27 13.96 -1.09
CA ASP A 174 -0.84 13.44 -2.33
C ASP A 174 -2.33 13.40 -2.20
N LEU A 175 -2.79 12.98 -1.03
CA LEU A 175 -4.21 12.88 -0.76
C LEU A 175 -4.82 14.27 -0.72
N LEU A 176 -4.26 15.12 0.12
CA LEU A 176 -4.60 16.53 0.08
C LEU A 176 -4.57 17.12 -1.36
N ASP A 177 -3.54 16.82 -2.16
CA ASP A 177 -3.48 17.37 -3.54
C ASP A 177 -4.67 16.88 -4.35
N VAL A 178 -5.00 15.60 -4.20
CA VAL A 178 -6.14 15.04 -4.95
C VAL A 178 -7.42 15.79 -4.58
N LEU A 179 -7.64 16.07 -3.30
CA LEU A 179 -8.87 16.73 -2.93
C LEU A 179 -8.89 18.19 -3.38
N ASP A 180 -7.71 18.77 -3.51
CA ASP A 180 -7.60 20.10 -4.08
C ASP A 180 -8.08 20.09 -5.53
N LEU A 181 -7.76 19.04 -6.29
CA LEU A 181 -8.15 18.97 -7.71
C LEU A 181 -9.59 18.53 -7.89
N PHE A 182 -10.05 17.70 -6.96
CA PHE A 182 -11.40 17.19 -6.99
C PHE A 182 -12.04 17.50 -5.63
N PRO A 183 -12.26 18.78 -5.36
CA PRO A 183 -12.74 19.14 -4.03
C PRO A 183 -14.15 18.63 -3.81
N GLU A 184 -14.80 18.13 -4.85
CA GLU A 184 -16.20 17.72 -4.71
C GLU A 184 -16.32 16.29 -4.15
N PHE A 185 -15.18 15.61 -4.07
CA PHE A 185 -15.05 14.28 -3.54
C PHE A 185 -14.95 14.30 -2.01
N TYR A 186 -14.78 15.48 -1.45
CA TYR A 186 -14.50 15.66 -0.03
C TYR A 186 -15.57 15.12 0.90
N ASP A 187 -16.83 15.39 0.60
CA ASP A 187 -17.91 15.00 1.49
C ASP A 187 -18.07 13.49 1.59
N SER A 188 -18.17 12.82 0.45
CA SER A 188 -18.28 11.37 0.40
C SER A 188 -17.05 10.65 0.97
N PHE A 189 -15.87 11.18 0.72
CA PHE A 189 -14.66 10.60 1.29
C PHE A 189 -14.56 10.73 2.81
N VAL A 190 -14.76 11.94 3.31
CA VAL A 190 -14.75 12.19 4.75
C VAL A 190 -15.79 11.29 5.40
N ASN A 191 -16.92 11.16 4.74
CA ASN A 191 -18.05 10.44 5.27
C ASN A 191 -17.90 8.93 5.14
N SER A 192 -17.13 8.45 4.18
CA SER A 192 -17.07 7.02 3.89
C SER A 192 -15.76 6.35 4.34
N LEU A 193 -14.84 7.15 4.87
CA LEU A 193 -13.55 6.63 5.30
C LEU A 193 -13.62 6.20 6.76
N GLU A 194 -13.47 4.89 6.96
CA GLU A 194 -13.62 4.26 8.26
C GLU A 194 -12.27 3.87 8.82
N ILE A 195 -11.57 4.78 9.49
CA ILE A 195 -10.31 4.40 10.10
C ILE A 195 -10.56 3.36 11.23
N THR A 196 -9.93 2.21 11.10
CA THR A 196 -10.10 1.10 12.03
C THR A 196 -9.36 1.39 13.32
N TYR A 197 -8.07 1.66 13.20
CA TYR A 197 -7.30 2.13 14.33
C TYR A 197 -6.82 3.55 14.10
N ASN A 198 -7.48 4.51 14.75
CA ASN A 198 -7.03 5.90 14.73
C ASN A 198 -5.69 6.11 15.43
N MET A 199 -4.70 6.54 14.66
CA MET A 199 -3.36 6.66 15.20
C MET A 199 -3.02 8.06 15.65
N ARG A 200 -3.90 9.04 15.43
CA ARG A 200 -3.59 10.40 15.85
C ARG A 200 -3.48 10.45 17.39
N ASP A 201 -2.29 10.78 17.87
CA ASP A 201 -2.02 10.95 19.29
C ASP A 201 -2.83 12.14 19.80
N GLU A 202 -3.97 11.86 20.43
CA GLU A 202 -4.82 12.94 20.95
C GLU A 202 -4.64 13.17 22.45
N GLU A 203 -3.55 12.63 22.99
CA GLU A 203 -3.17 12.92 24.36
C GLU A 203 -1.97 13.86 24.36
N GLN A 204 -1.35 14.02 23.19
CA GLN A 204 -0.17 14.89 23.04
C GLN A 204 -0.40 16.28 23.62
#